data_8GHT
#
_entry.id   8GHT
#
_cell.length_a   1.00
_cell.length_b   1.00
_cell.length_c   1.00
_cell.angle_alpha   90.00
_cell.angle_beta   90.00
_cell.angle_gamma   90.00
#
_symmetry.space_group_name_H-M   'P 1'
#
loop_
_entity.id
_entity.type
_entity.pdbx_description
1 polymer 'Putative membrane protein'
2 non-polymer 'CADMIUM ION'
3 non-polymer PHOSPHATIDYLETHANOLAMINE
#
_entity_poly.entity_id   1
_entity_poly.type   'polypeptide(L)'
_entity_poly.pdbx_seq_one_letter_code
;GSHMNQPSSLAADLRGAWHAQAQSHPLITLGLAASAAGVVLLLVAGIVNALTGENRVHVGYAVLGGAAGFAATALGALMA
LGLRAISARTQDAMLGFAAGMMLAASAFSLILPGLDAAGTIVGPGPAAAAVVALGLGLGVLLMLGLDYFTPHEHERTGHQ
GPEAARVNRVWLFVLTIILHNLPEGMAIGVSFATGDLRIGLPLTSAIAIQDVPEGLAVALALRAVGLPIGRAVLVAVASG
LMEPLGALVGVGISSGFALAYPISMGLAAGAMIFVVSHEVIPETHRNGHETTATVGLMAGFALMMFLDTALG
;
_entity_poly.pdbx_strand_id   A,B
#
loop_
_chem_comp.id
_chem_comp.type
_chem_comp.name
_chem_comp.formula
CD non-polymer 'CADMIUM ION' 'Cd 2'
PTY non-polymer PHOSPHATIDYLETHANOLAMINE 'C40 H80 N O8 P'
#
# COMPACT_ATOMS: atom_id res chain seq x y z
N SER A 9 -6.46 41.33 -10.05
CA SER A 9 -7.76 40.70 -10.22
C SER A 9 -7.74 39.26 -9.73
N LEU A 10 -7.41 38.33 -10.63
CA LEU A 10 -7.33 36.93 -10.25
C LEU A 10 -6.27 36.70 -9.17
N ALA A 11 -5.14 37.41 -9.27
CA ALA A 11 -4.10 37.28 -8.27
C ALA A 11 -4.60 37.69 -6.90
N ALA A 12 -5.40 38.76 -6.82
CA ALA A 12 -5.91 39.21 -5.54
C ALA A 12 -6.83 38.17 -4.90
N ASP A 13 -7.74 37.61 -5.69
CA ASP A 13 -8.66 36.60 -5.14
C ASP A 13 -7.91 35.36 -4.71
N LEU A 14 -6.93 34.93 -5.52
CA LEU A 14 -6.14 33.76 -5.16
C LEU A 14 -5.33 34.01 -3.90
N ARG A 15 -4.78 35.22 -3.75
CA ARG A 15 -4.03 35.57 -2.55
C ARG A 15 -4.93 35.55 -1.32
N GLY A 16 -6.15 36.09 -1.44
CA GLY A 16 -7.09 36.04 -0.33
C GLY A 16 -7.45 34.61 0.04
N ALA A 17 -7.65 33.75 -0.96
CA ALA A 17 -7.94 32.35 -0.70
C ALA A 17 -6.78 31.68 0.02
N TRP A 18 -5.54 31.96 -0.42
CA TRP A 18 -4.37 31.40 0.24
C TRP A 18 -4.29 31.84 1.69
N HIS A 19 -4.53 33.13 1.96
CA HIS A 19 -4.47 33.62 3.33
C HIS A 19 -5.54 32.96 4.20
N ALA A 20 -6.75 32.85 3.68
CA ALA A 20 -7.82 32.20 4.44
C ALA A 20 -7.48 30.75 4.73
N GLN A 21 -6.89 30.05 3.75
CA GLN A 21 -6.50 28.67 3.97
C GLN A 21 -5.39 28.57 5.01
N ALA A 22 -4.44 29.52 4.99
CA ALA A 22 -3.36 29.50 5.96
C ALA A 22 -3.88 29.75 7.37
N GLN A 23 -4.92 30.56 7.52
CA GLN A 23 -5.49 30.79 8.85
C GLN A 23 -6.11 29.53 9.45
N SER A 24 -6.43 28.54 8.61
CA SER A 24 -7.14 27.35 9.07
C SER A 24 -6.24 26.14 9.25
N HIS A 25 -5.13 26.07 8.54
CA HIS A 25 -4.23 24.91 8.59
C HIS A 25 -2.81 25.41 8.83
N PRO A 26 -2.45 25.71 10.08
CA PRO A 26 -1.09 26.21 10.33
C PRO A 26 -0.03 25.13 10.22
N LEU A 27 -0.30 23.93 10.72
CA LEU A 27 0.71 22.88 10.73
C LEU A 27 1.11 22.50 9.30
N ILE A 28 0.15 22.42 8.39
CA ILE A 28 0.45 22.09 7.01
C ILE A 28 1.27 23.20 6.37
N THR A 29 0.98 24.46 6.72
CA THR A 29 1.76 25.58 6.19
C THR A 29 3.21 25.50 6.65
N LEU A 30 3.43 25.21 7.94
CA LEU A 30 4.80 25.07 8.42
C LEU A 30 5.50 23.89 7.77
N GLY A 31 4.79 22.78 7.59
CA GLY A 31 5.39 21.64 6.92
C GLY A 31 5.79 21.96 5.49
N LEU A 32 4.93 22.68 4.76
CA LEU A 32 5.27 23.08 3.40
C LEU A 32 6.47 24.01 3.38
N ALA A 33 6.55 24.95 4.33
CA ALA A 33 7.68 25.86 4.37
C ALA A 33 8.99 25.09 4.60
N ALA A 34 8.99 24.19 5.58
CA ALA A 34 10.20 23.42 5.86
C ALA A 34 10.60 22.55 4.68
N SER A 35 9.63 21.87 4.08
CA SER A 35 9.94 20.99 2.95
C SER A 35 10.45 21.78 1.76
N ALA A 36 9.85 22.94 1.48
CA ALA A 36 10.33 23.78 0.38
C ALA A 36 11.75 24.25 0.63
N ALA A 37 12.07 24.62 1.86
CA ALA A 37 13.43 25.03 2.19
C ALA A 37 14.41 23.87 1.93
N GLY A 38 14.05 22.67 2.40
CA GLY A 38 14.93 21.53 2.17
C GLY A 38 15.14 21.24 0.70
N VAL A 39 14.05 21.26 -0.08
CA VAL A 39 14.14 20.94 -1.50
C VAL A 39 14.97 21.99 -2.24
N VAL A 40 14.78 23.27 -1.92
CA VAL A 40 15.52 24.31 -2.62
C VAL A 40 17.00 24.25 -2.26
N LEU A 41 17.33 23.94 -1.00
CA LEU A 41 18.74 23.75 -0.65
C LEU A 41 19.34 22.57 -1.41
N LEU A 42 18.61 21.46 -1.50
CA LEU A 42 19.11 20.31 -2.25
C LEU A 42 19.35 20.66 -3.72
N LEU A 43 18.42 21.44 -4.30
CA LEU A 43 18.56 21.80 -5.71
C LEU A 43 19.71 22.76 -5.93
N VAL A 44 19.95 23.68 -4.99
CA VAL A 44 21.11 24.56 -5.10
C VAL A 44 22.40 23.76 -5.06
N ALA A 45 22.48 22.79 -4.13
CA ALA A 45 23.67 21.94 -4.06
C ALA A 45 23.86 21.16 -5.37
N GLY A 46 22.76 20.64 -5.93
CA GLY A 46 22.85 19.92 -7.18
C GLY A 46 23.34 20.78 -8.32
N ILE A 47 22.84 22.02 -8.40
CA ILE A 47 23.29 22.93 -9.46
C ILE A 47 24.77 23.26 -9.30
N VAL A 48 25.22 23.49 -8.07
CA VAL A 48 26.64 23.77 -7.83
C VAL A 48 27.49 22.59 -8.29
N ASN A 49 27.09 21.37 -7.90
CA ASN A 49 27.87 20.19 -8.30
C ASN A 49 27.87 20.04 -9.82
N ALA A 50 26.73 20.26 -10.47
CA ALA A 50 26.67 20.17 -11.92
C ALA A 50 27.60 21.19 -12.57
N LEU A 51 27.71 22.38 -11.98
CA LEU A 51 28.65 23.37 -12.50
C LEU A 51 30.10 22.96 -12.29
N THR A 52 30.42 22.30 -11.19
CA THR A 52 31.81 21.95 -10.91
C THR A 52 32.23 20.61 -11.53
N GLY A 53 31.51 19.54 -11.22
CA GLY A 53 31.85 18.20 -11.68
C GLY A 53 31.37 17.90 -13.08
N GLU A 54 31.35 16.61 -13.41
CA GLU A 54 30.93 16.14 -14.74
C GLU A 54 30.05 14.89 -14.56
N ASN A 55 28.73 15.11 -14.51
CA ASN A 55 27.74 14.06 -14.44
C ASN A 55 26.69 14.21 -15.53
N ARG A 56 27.15 14.43 -16.77
CA ARG A 56 26.24 14.68 -17.88
C ARG A 56 25.52 13.43 -18.34
N VAL A 57 26.19 12.27 -18.30
CA VAL A 57 25.58 11.04 -18.79
C VAL A 57 24.34 10.69 -17.97
N HIS A 58 24.35 11.03 -16.68
CA HIS A 58 23.18 10.80 -15.85
C HIS A 58 22.02 11.69 -16.27
N VAL A 59 22.32 12.93 -16.68
CA VAL A 59 21.28 13.79 -17.23
C VAL A 59 20.70 13.18 -18.49
N GLY A 60 21.57 12.62 -19.35
CA GLY A 60 21.07 11.96 -20.55
C GLY A 60 20.16 10.79 -20.24
N TYR A 61 20.55 9.97 -19.27
CA TYR A 61 19.71 8.83 -18.89
C TYR A 61 18.37 9.31 -18.35
N ALA A 62 18.38 10.35 -17.52
CA ALA A 62 17.14 10.85 -16.94
C ALA A 62 16.21 11.42 -18.00
N VAL A 63 16.76 12.19 -18.94
CA VAL A 63 15.90 12.77 -19.98
C VAL A 63 15.36 11.67 -20.89
N LEU A 64 16.15 10.63 -21.17
CA LEU A 64 15.64 9.54 -21.99
C LEU A 64 14.53 8.79 -21.28
N GLY A 65 14.67 8.56 -19.97
CA GLY A 65 13.59 7.93 -19.22
C GLY A 65 12.32 8.77 -19.20
N GLY A 66 12.48 10.08 -19.03
CA GLY A 66 11.33 10.97 -19.11
C GLY A 66 10.66 10.94 -20.47
N ALA A 67 11.47 10.86 -21.54
CA ALA A 67 10.92 10.76 -22.88
C ALA A 67 10.14 9.46 -23.06
N ALA A 68 10.65 8.35 -22.49
CA ALA A 68 9.92 7.10 -22.55
C ALA A 68 8.58 7.19 -21.82
N GLY A 69 8.58 7.82 -20.64
CA GLY A 69 7.33 8.02 -19.93
C GLY A 69 6.34 8.88 -20.71
N PHE A 70 6.84 9.93 -21.34
CA PHE A 70 5.99 10.80 -22.16
C PHE A 70 5.39 10.02 -23.32
N ALA A 71 6.20 9.18 -23.97
CA ALA A 71 5.69 8.38 -25.07
C ALA A 71 4.62 7.40 -24.60
N ALA A 72 4.82 6.80 -23.43
CA ALA A 72 3.82 5.89 -22.88
C ALA A 72 2.50 6.62 -22.62
N THR A 73 2.57 7.80 -22.02
CA THR A 73 1.35 8.58 -21.75
C THR A 73 0.67 8.98 -23.05
N ALA A 74 1.45 9.41 -24.05
CA ALA A 74 0.87 9.79 -25.32
C ALA A 74 0.17 8.62 -26.01
N LEU A 75 0.79 7.43 -25.96
CA LEU A 75 0.16 6.25 -26.53
C LEU A 75 -1.14 5.92 -25.80
N GLY A 76 -1.13 5.99 -24.48
CA GLY A 76 -2.36 5.77 -23.73
C GLY A 76 -3.45 6.76 -24.10
N ALA A 77 -3.08 8.01 -24.31
CA ALA A 77 -4.06 9.01 -24.73
C ALA A 77 -4.61 8.70 -26.12
N LEU A 78 -3.73 8.33 -27.05
CA LEU A 78 -4.16 8.01 -28.40
C LEU A 78 -5.04 6.76 -28.43
N MET A 79 -4.92 5.90 -27.43
CA MET A 79 -5.79 4.73 -27.36
C MET A 79 -7.26 5.11 -27.15
N ALA A 80 -7.53 6.35 -26.76
CA ALA A 80 -8.89 6.77 -26.42
C ALA A 80 -9.72 7.17 -27.62
N LEU A 81 -9.17 7.14 -28.83
CA LEU A 81 -9.95 7.48 -30.01
C LEU A 81 -10.83 6.33 -30.49
N GLY A 82 -10.71 5.15 -29.89
CA GLY A 82 -11.50 4.01 -30.32
C GLY A 82 -12.33 3.36 -29.24
N LEU A 83 -11.96 3.58 -27.97
CA LEU A 83 -12.66 2.90 -26.88
C LEU A 83 -14.04 3.49 -26.63
N ARG A 84 -14.17 4.82 -26.70
CA ARG A 84 -15.47 5.50 -26.65
C ARG A 84 -16.23 5.20 -25.36
N ALA A 85 -15.70 5.74 -24.26
CA ALA A 85 -16.38 5.77 -22.96
C ALA A 85 -16.60 4.36 -22.40
N ILE A 86 -15.48 3.74 -22.04
CA ILE A 86 -15.45 2.45 -21.36
C ILE A 86 -16.23 2.50 -20.06
N SER A 87 -16.60 1.33 -19.55
CA SER A 87 -17.45 1.22 -18.36
C SER A 87 -16.65 1.56 -17.10
N ALA A 88 -17.32 1.43 -15.94
CA ALA A 88 -16.72 1.81 -14.67
C ALA A 88 -15.89 0.69 -14.03
N ARG A 89 -16.28 -0.56 -14.23
CA ARG A 89 -15.50 -1.67 -13.69
C ARG A 89 -14.10 -1.70 -14.30
N THR A 90 -14.01 -1.48 -15.61
CA THR A 90 -12.70 -1.43 -16.26
C THR A 90 -11.87 -0.29 -15.72
N GLN A 91 -12.49 0.88 -15.50
CA GLN A 91 -11.75 2.01 -14.96
C GLN A 91 -11.22 1.70 -13.57
N ASP A 92 -12.05 1.10 -12.72
CA ASP A 92 -11.60 0.73 -11.38
C ASP A 92 -10.44 -0.26 -11.44
N ALA A 93 -10.55 -1.26 -12.32
CA ALA A 93 -9.49 -2.26 -12.43
C ALA A 93 -8.18 -1.63 -12.90
N MET A 94 -8.24 -0.76 -13.91
CA MET A 94 -7.02 -0.15 -14.43
C MET A 94 -6.38 0.75 -13.39
N LEU A 95 -7.19 1.55 -12.69
CA LEU A 95 -6.60 2.45 -11.70
C LEU A 95 -6.05 1.69 -10.52
N GLY A 96 -6.69 0.59 -10.13
CA GLY A 96 -6.12 -0.26 -9.09
C GLY A 96 -4.81 -0.88 -9.50
N PHE A 97 -4.72 -1.33 -10.76
CA PHE A 97 -3.45 -1.86 -11.27
C PHE A 97 -2.37 -0.79 -11.25
N ALA A 98 -2.70 0.43 -11.66
CA ALA A 98 -1.72 1.52 -11.65
C ALA A 98 -1.27 1.84 -10.22
N ALA A 99 -2.22 1.87 -9.28
CA ALA A 99 -1.87 2.15 -7.89
C ALA A 99 -0.96 1.07 -7.32
N GLY A 100 -1.26 -0.20 -7.63
CA GLY A 100 -0.39 -1.28 -7.18
C GLY A 100 1.00 -1.18 -7.78
N MET A 101 1.09 -0.87 -9.08
CA MET A 101 2.39 -0.67 -9.70
C MET A 101 3.17 0.43 -9.00
N MET A 102 2.52 1.58 -8.78
CA MET A 102 3.21 2.69 -8.13
C MET A 102 3.67 2.32 -6.73
N LEU A 103 2.81 1.66 -5.96
CA LEU A 103 3.14 1.31 -4.59
C LEU A 103 4.31 0.32 -4.53
N ALA A 104 4.25 -0.74 -5.33
CA ALA A 104 5.30 -1.75 -5.29
C ALA A 104 6.63 -1.19 -5.82
N ALA A 105 6.58 -0.43 -6.92
CA ALA A 105 7.79 0.19 -7.44
C ALA A 105 8.41 1.10 -6.39
N SER A 106 7.61 1.99 -5.81
CA SER A 106 8.08 2.84 -4.72
C SER A 106 8.79 2.01 -3.67
N ALA A 107 8.05 1.10 -3.02
CA ALA A 107 8.60 0.33 -1.91
C ALA A 107 9.92 -0.32 -2.28
N PHE A 108 9.90 -1.26 -3.22
CA PHE A 108 11.12 -1.99 -3.53
C PHE A 108 12.21 -1.06 -4.05
N SER A 109 11.99 -0.48 -5.23
CA SER A 109 13.05 0.18 -5.98
C SER A 109 13.47 1.51 -5.39
N LEU A 110 12.79 2.02 -4.36
CA LEU A 110 13.20 3.28 -3.77
C LEU A 110 13.39 3.20 -2.26
N ILE A 111 13.23 2.03 -1.64
CA ILE A 111 13.59 1.83 -0.25
C ILE A 111 14.80 0.92 -0.13
N LEU A 112 14.78 -0.23 -0.82
CA LEU A 112 15.90 -1.17 -0.66
C LEU A 112 17.21 -0.60 -1.18
N PRO A 113 17.31 -0.10 -2.43
CA PRO A 113 18.57 0.51 -2.86
C PRO A 113 18.99 1.69 -2.00
N GLY A 114 18.03 2.49 -1.56
CA GLY A 114 18.36 3.62 -0.72
C GLY A 114 18.95 3.18 0.61
N LEU A 115 18.37 2.14 1.22
CA LEU A 115 18.90 1.62 2.46
C LEU A 115 20.31 1.07 2.27
N ASP A 116 20.53 0.33 1.18
CA ASP A 116 21.88 -0.21 0.95
C ASP A 116 22.91 0.90 0.75
N ALA A 117 22.57 1.91 -0.05
CA ALA A 117 23.50 3.00 -0.29
C ALA A 117 23.79 3.79 0.98
N ALA A 118 22.74 4.09 1.76
CA ALA A 118 22.94 4.82 3.01
C ALA A 118 23.77 4.01 4.00
N GLY A 119 23.53 2.70 4.09
CA GLY A 119 24.35 1.88 4.95
C GLY A 119 25.80 1.85 4.51
N THR A 120 26.03 1.89 3.19
CA THR A 120 27.40 2.00 2.70
C THR A 120 28.04 3.30 3.15
N ILE A 121 27.31 4.42 3.04
CA ILE A 121 27.91 5.72 3.34
C ILE A 121 28.16 5.89 4.84
N VAL A 122 27.15 5.61 5.66
CA VAL A 122 27.19 5.98 7.07
C VAL A 122 27.41 4.80 8.00
N GLY A 123 27.07 3.58 7.59
CA GLY A 123 27.22 2.42 8.45
C GLY A 123 25.91 1.72 8.67
N PRO A 124 25.90 0.40 8.55
CA PRO A 124 24.65 -0.36 8.70
C PRO A 124 24.05 -0.19 10.07
N GLY A 125 22.72 -0.21 10.12
CA GLY A 125 22.01 -0.03 11.36
C GLY A 125 20.85 0.93 11.21
N PRO A 126 20.52 1.65 12.30
CA PRO A 126 19.41 2.61 12.24
C PRO A 126 19.73 3.93 11.55
N ALA A 127 20.99 4.20 11.23
CA ALA A 127 21.33 5.49 10.61
C ALA A 127 20.79 5.60 9.19
N ALA A 128 20.87 4.51 8.42
CA ALA A 128 20.28 4.49 7.10
C ALA A 128 18.77 4.70 7.17
N ALA A 129 18.12 4.06 8.15
CA ALA A 129 16.70 4.30 8.37
C ALA A 129 16.44 5.78 8.68
N ALA A 130 17.31 6.39 9.48
CA ALA A 130 17.12 7.79 9.83
C ALA A 130 17.17 8.68 8.59
N VAL A 131 18.17 8.47 7.74
CA VAL A 131 18.31 9.36 6.57
C VAL A 131 17.15 9.15 5.60
N VAL A 132 16.77 7.89 5.34
CA VAL A 132 15.69 7.70 4.37
C VAL A 132 14.35 8.11 4.95
N ALA A 133 14.18 8.02 6.28
CA ALA A 133 12.95 8.51 6.90
C ALA A 133 12.87 10.02 6.86
N LEU A 134 14.01 10.71 6.99
CA LEU A 134 14.03 12.14 6.75
C LEU A 134 13.56 12.46 5.34
N GLY A 135 14.04 11.68 4.36
CA GLY A 135 13.55 11.85 3.01
C GLY A 135 12.05 11.65 2.89
N LEU A 136 11.53 10.61 3.52
CA LEU A 136 10.09 10.34 3.48
C LEU A 136 9.30 11.51 4.06
N GLY A 137 9.75 12.02 5.20
CA GLY A 137 9.06 13.16 5.80
C GLY A 137 9.05 14.37 4.89
N LEU A 138 10.20 14.67 4.27
CA LEU A 138 10.26 15.80 3.35
C LEU A 138 9.28 15.63 2.20
N GLY A 139 9.24 14.44 1.60
CA GLY A 139 8.35 14.23 0.47
C GLY A 139 6.89 14.35 0.85
N VAL A 140 6.51 13.74 1.97
CA VAL A 140 5.11 13.78 2.40
C VAL A 140 4.70 15.22 2.71
N LEU A 141 5.55 15.98 3.41
CA LEU A 141 5.21 17.36 3.70
C LEU A 141 5.05 18.18 2.43
N LEU A 142 5.96 18.00 1.47
CA LEU A 142 5.85 18.73 0.21
C LEU A 142 4.53 18.44 -0.48
N MET A 143 4.19 17.16 -0.63
CA MET A 143 2.99 16.81 -1.38
C MET A 143 1.72 17.24 -0.64
N LEU A 144 1.71 17.14 0.69
CA LEU A 144 0.53 17.56 1.45
C LEU A 144 0.31 19.05 1.33
N GLY A 145 1.37 19.84 1.51
CA GLY A 145 1.24 21.28 1.35
C GLY A 145 0.80 21.66 -0.04
N LEU A 146 1.33 20.96 -1.06
CA LEU A 146 0.92 21.26 -2.43
C LEU A 146 -0.56 20.96 -2.66
N ASP A 147 -1.02 19.79 -2.21
CA ASP A 147 -2.40 19.42 -2.54
C ASP A 147 -3.39 20.21 -1.68
N TYR A 148 -2.93 20.83 -0.60
CA TYR A 148 -3.82 21.74 0.13
C TYR A 148 -3.73 23.18 -0.35
N PHE A 149 -2.66 23.57 -1.05
CA PHE A 149 -2.52 24.96 -1.51
C PHE A 149 -2.64 25.07 -3.02
N THR A 150 -3.25 24.09 -3.68
CA THR A 150 -3.42 24.12 -5.12
C THR A 150 -4.90 23.97 -5.50
N PRO A 151 -5.44 24.89 -6.29
CA PRO A 151 -6.86 24.80 -6.64
C PRO A 151 -7.15 23.76 -7.72
N HIS A 152 -7.37 22.51 -7.32
CA HIS A 152 -7.66 21.44 -8.26
C HIS A 152 -9.04 20.86 -7.98
N GLU A 153 -9.45 19.90 -8.80
CA GLU A 153 -10.62 19.09 -8.52
C GLU A 153 -10.37 17.67 -8.97
N HIS A 154 -10.88 16.72 -8.20
CA HIS A 154 -10.82 15.32 -8.56
C HIS A 154 -12.11 14.93 -9.27
N GLU A 155 -12.07 13.81 -9.98
CA GLU A 155 -13.17 13.45 -10.86
C GLU A 155 -14.47 13.22 -10.09
N ARG A 156 -14.38 12.56 -8.93
CA ARG A 156 -15.56 12.18 -8.16
C ARG A 156 -15.68 12.89 -6.83
N THR A 157 -14.58 13.08 -6.10
CA THR A 157 -14.66 13.64 -4.76
C THR A 157 -15.21 15.06 -4.79
N GLY A 158 -14.76 15.88 -5.73
CA GLY A 158 -15.25 17.24 -5.83
C GLY A 158 -14.16 18.25 -6.04
N HIS A 159 -14.35 19.45 -5.49
CA HIS A 159 -13.39 20.55 -5.64
C HIS A 159 -12.52 20.57 -4.38
N GLN A 160 -11.24 20.22 -4.54
CA GLN A 160 -10.30 20.12 -3.42
C GLN A 160 -9.30 21.25 -3.52
N GLY A 161 -9.11 21.98 -2.41
CA GLY A 161 -8.15 23.05 -2.37
C GLY A 161 -8.78 24.39 -2.09
N PRO A 162 -8.00 25.47 -2.26
CA PRO A 162 -8.54 26.81 -2.04
C PRO A 162 -9.62 27.15 -3.05
N GLU A 163 -10.57 27.95 -2.61
CA GLU A 163 -11.69 28.32 -3.46
C GLU A 163 -11.26 29.35 -4.50
N ALA A 164 -11.66 29.11 -5.76
CA ALA A 164 -11.44 30.10 -6.82
C ALA A 164 -12.48 29.82 -7.91
N ALA A 165 -13.56 30.59 -7.91
CA ALA A 165 -14.61 30.45 -8.93
C ALA A 165 -14.38 31.41 -10.08
N ARG A 166 -13.17 31.40 -10.63
CA ARG A 166 -12.83 32.28 -11.74
C ARG A 166 -12.03 31.57 -12.82
N VAL A 167 -11.85 30.25 -12.71
CA VAL A 167 -11.15 29.46 -13.72
C VAL A 167 -12.03 28.27 -14.08
N ASN A 168 -11.96 27.86 -15.33
CA ASN A 168 -12.79 26.75 -15.80
C ASN A 168 -12.35 25.44 -15.18
N ARG A 169 -13.24 24.45 -15.22
CA ARG A 169 -12.97 23.16 -14.61
C ARG A 169 -11.85 22.40 -15.32
N VAL A 170 -11.62 22.69 -16.60
CA VAL A 170 -10.56 22.02 -17.35
C VAL A 170 -9.21 22.28 -16.69
N TRP A 171 -8.97 23.52 -16.27
CA TRP A 171 -7.70 23.85 -15.66
C TRP A 171 -7.53 23.16 -14.31
N LEU A 172 -8.62 23.03 -13.55
CA LEU A 172 -8.53 22.30 -12.29
C LEU A 172 -8.18 20.84 -12.52
N PHE A 173 -8.79 20.21 -13.54
CA PHE A 173 -8.44 18.83 -13.84
C PHE A 173 -6.98 18.71 -14.28
N VAL A 174 -6.51 19.66 -15.09
CA VAL A 174 -5.12 19.63 -15.53
C VAL A 174 -4.19 19.75 -14.33
N LEU A 175 -4.55 20.60 -13.36
CA LEU A 175 -3.73 20.74 -12.16
C LEU A 175 -3.71 19.45 -11.36
N THR A 176 -4.84 18.74 -11.29
CA THR A 176 -4.85 17.43 -10.64
C THR A 176 -3.88 16.48 -11.32
N ILE A 177 -3.90 16.46 -12.66
CA ILE A 177 -2.99 15.60 -13.41
C ILE A 177 -1.54 15.96 -13.12
N ILE A 178 -1.25 17.25 -13.07
CA ILE A 178 0.11 17.73 -12.79
C ILE A 178 0.57 17.25 -11.43
N LEU A 179 -0.30 17.36 -10.42
CA LEU A 179 0.04 16.88 -9.09
C LEU A 179 0.30 15.39 -9.08
N HIS A 180 -0.48 14.62 -9.83
CA HIS A 180 -0.20 13.18 -9.90
C HIS A 180 1.14 12.90 -10.52
N ASN A 181 1.48 13.58 -11.62
CA ASN A 181 2.60 13.15 -12.44
C ASN A 181 3.93 13.82 -12.12
N LEU A 182 3.98 14.80 -11.23
CA LEU A 182 5.29 15.33 -10.83
C LEU A 182 6.17 14.29 -10.12
N PRO A 183 5.70 13.57 -9.09
CA PRO A 183 6.59 12.63 -8.39
C PRO A 183 7.12 11.50 -9.26
N GLU A 184 6.40 11.12 -10.32
CA GLU A 184 6.88 10.03 -11.17
C GLU A 184 8.16 10.41 -11.90
N GLY A 185 8.15 11.58 -12.55
CA GLY A 185 9.37 12.07 -13.16
C GLY A 185 10.46 12.29 -12.13
N MET A 186 10.09 12.83 -10.97
CA MET A 186 11.09 13.00 -9.92
C MET A 186 11.75 11.67 -9.55
N ALA A 187 10.97 10.61 -9.43
CA ALA A 187 11.50 9.30 -9.07
C ALA A 187 12.41 8.75 -10.17
N ILE A 188 12.02 8.92 -11.43
CA ILE A 188 12.88 8.47 -12.53
C ILE A 188 14.23 9.15 -12.46
N GLY A 189 14.22 10.49 -12.33
CA GLY A 189 15.46 11.23 -12.28
C GLY A 189 16.31 10.85 -11.08
N VAL A 190 15.67 10.59 -9.94
CA VAL A 190 16.41 10.13 -8.76
C VAL A 190 17.06 8.79 -9.02
N SER A 191 16.35 7.89 -9.69
CA SER A 191 16.85 6.53 -9.88
C SER A 191 18.13 6.52 -10.71
N PHE A 192 18.17 7.29 -11.80
CA PHE A 192 19.37 7.25 -12.65
C PHE A 192 20.52 8.11 -12.12
N ALA A 193 20.47 8.55 -10.87
CA ALA A 193 21.46 9.51 -10.39
C ALA A 193 22.86 8.91 -10.31
N THR A 194 22.95 7.67 -9.84
CA THR A 194 24.25 7.04 -9.59
C THR A 194 24.64 6.05 -10.68
N GLY A 195 24.22 6.30 -11.92
CA GLY A 195 24.39 5.28 -12.94
C GLY A 195 23.65 4.04 -12.53
N ASP A 196 24.32 2.89 -12.63
CA ASP A 196 23.82 1.63 -12.07
C ASP A 196 22.44 1.29 -12.63
N LEU A 197 22.44 0.97 -13.92
CA LEU A 197 21.23 0.72 -14.70
C LEU A 197 20.28 -0.29 -14.03
N ARG A 198 20.76 -1.02 -13.02
CA ARG A 198 19.96 -2.06 -12.39
C ARG A 198 18.78 -1.52 -11.58
N ILE A 199 18.70 -0.20 -11.35
CA ILE A 199 17.55 0.41 -10.71
C ILE A 199 16.69 1.16 -11.71
N GLY A 200 17.33 1.97 -12.56
CA GLY A 200 16.57 2.83 -13.45
C GLY A 200 15.70 2.07 -14.42
N LEU A 201 16.20 0.96 -14.96
CA LEU A 201 15.39 0.19 -15.89
C LEU A 201 14.12 -0.35 -15.25
N PRO A 202 14.16 -1.04 -14.11
CA PRO A 202 12.90 -1.46 -13.48
C PRO A 202 11.98 -0.29 -13.13
N LEU A 203 12.52 0.77 -12.54
CA LEU A 203 11.66 1.88 -12.13
C LEU A 203 10.98 2.54 -13.33
N THR A 204 11.75 2.79 -14.39
CA THR A 204 11.20 3.43 -15.58
C THR A 204 10.19 2.53 -16.28
N SER A 205 10.47 1.23 -16.37
CA SER A 205 9.51 0.33 -17.00
C SER A 205 8.20 0.32 -16.23
N ALA A 206 8.27 0.26 -14.90
CA ALA A 206 7.05 0.29 -14.10
C ALA A 206 6.28 1.59 -14.30
N ILE A 207 7.00 2.72 -14.33
CA ILE A 207 6.33 4.01 -14.49
C ILE A 207 5.61 4.09 -15.83
N ALA A 208 6.27 3.67 -16.90
CA ALA A 208 5.64 3.70 -18.23
C ALA A 208 4.42 2.79 -18.29
N ILE A 209 4.56 1.58 -17.74
CA ILE A 209 3.47 0.61 -17.79
C ILE A 209 2.26 1.13 -17.02
N GLN A 210 2.48 1.85 -15.91
CA GLN A 210 1.32 2.32 -15.18
C GLN A 210 0.80 3.64 -15.74
N ASP A 211 1.62 4.39 -16.48
CA ASP A 211 1.14 5.62 -17.10
C ASP A 211 0.38 5.39 -18.41
N VAL A 212 0.47 4.22 -19.01
CA VAL A 212 -0.42 3.97 -20.15
C VAL A 212 -1.89 4.03 -19.73
N PRO A 213 -2.37 3.17 -18.81
CA PRO A 213 -3.80 3.23 -18.44
C PRO A 213 -4.21 4.56 -17.82
N GLU A 214 -3.32 5.18 -17.04
CA GLU A 214 -3.65 6.48 -16.45
C GLU A 214 -3.87 7.53 -17.52
N GLY A 215 -3.04 7.53 -18.56
CA GLY A 215 -3.26 8.44 -19.67
C GLY A 215 -4.57 8.19 -20.38
N LEU A 216 -4.92 6.93 -20.59
CA LEU A 216 -6.21 6.61 -21.20
C LEU A 216 -7.37 7.14 -20.37
N ALA A 217 -7.32 6.89 -19.06
CA ALA A 217 -8.39 7.35 -18.18
C ALA A 217 -8.48 8.86 -18.15
N VAL A 218 -7.32 9.55 -18.17
CA VAL A 218 -7.31 11.00 -18.20
C VAL A 218 -7.98 11.52 -19.48
N ALA A 219 -7.67 10.89 -20.62
CA ALA A 219 -8.30 11.31 -21.86
C ALA A 219 -9.82 11.15 -21.78
N LEU A 220 -10.29 10.02 -21.26
CA LEU A 220 -11.73 9.81 -21.15
C LEU A 220 -12.37 10.84 -20.21
N ALA A 221 -11.73 11.12 -19.07
CA ALA A 221 -12.30 12.06 -18.12
C ALA A 221 -12.35 13.47 -18.71
N LEU A 222 -11.29 13.90 -19.38
CA LEU A 222 -11.29 15.22 -19.99
C LEU A 222 -12.34 15.31 -21.09
N ARG A 223 -12.60 14.21 -21.81
CA ARG A 223 -13.74 14.19 -22.71
C ARG A 223 -15.04 14.41 -21.96
N ALA A 224 -15.19 13.73 -20.82
CA ALA A 224 -16.41 13.85 -20.04
C ALA A 224 -16.63 15.28 -19.55
N VAL A 225 -15.55 16.01 -19.25
CA VAL A 225 -15.70 17.39 -18.80
C VAL A 225 -16.29 18.26 -19.89
N GLY A 226 -16.02 17.96 -21.16
CA GLY A 226 -16.67 18.68 -22.24
C GLY A 226 -15.86 18.90 -23.51
N LEU A 227 -14.55 18.72 -23.45
CA LEU A 227 -13.73 18.87 -24.65
C LEU A 227 -14.12 17.78 -25.64
N PRO A 228 -14.43 18.12 -26.91
CA PRO A 228 -15.24 17.22 -27.73
C PRO A 228 -14.66 15.84 -27.97
N ILE A 229 -13.62 15.72 -28.79
CA ILE A 229 -12.84 14.48 -28.82
C ILE A 229 -11.37 14.78 -29.06
N GLY A 230 -11.08 15.96 -29.59
CA GLY A 230 -9.76 16.24 -30.13
C GLY A 230 -8.84 17.02 -29.23
N ARG A 231 -9.36 17.57 -28.13
CA ARG A 231 -8.54 18.35 -27.22
C ARG A 231 -8.19 17.60 -25.95
N ALA A 232 -8.95 16.56 -25.60
CA ALA A 232 -8.59 15.75 -24.44
C ALA A 232 -7.25 15.05 -24.64
N VAL A 233 -7.06 14.49 -25.83
CA VAL A 233 -5.82 13.79 -26.13
C VAL A 233 -4.64 14.76 -26.09
N LEU A 234 -4.85 15.99 -26.55
CA LEU A 234 -3.79 16.98 -26.53
C LEU A 234 -3.35 17.30 -25.11
N VAL A 235 -4.31 17.45 -24.20
CA VAL A 235 -3.97 17.77 -22.82
C VAL A 235 -3.28 16.58 -22.14
N ALA A 236 -3.72 15.36 -22.43
CA ALA A 236 -3.05 14.19 -21.89
C ALA A 236 -1.60 14.13 -22.38
N VAL A 237 -1.38 14.39 -23.66
CA VAL A 237 -0.02 14.42 -24.19
C VAL A 237 0.78 15.55 -23.53
N ALA A 238 0.13 16.66 -23.22
CA ALA A 238 0.82 17.76 -22.54
C ALA A 238 1.31 17.34 -21.16
N SER A 239 0.49 16.60 -20.41
CA SER A 239 0.94 16.11 -19.11
C SER A 239 2.09 15.12 -19.26
N GLY A 240 2.02 14.25 -20.25
CA GLY A 240 3.15 13.41 -20.56
C GLY A 240 4.40 14.22 -20.82
N LEU A 241 4.25 15.35 -21.52
CA LEU A 241 5.37 16.26 -21.74
C LEU A 241 5.85 16.87 -20.43
N MET A 242 4.96 17.06 -19.47
CA MET A 242 5.39 17.55 -18.16
C MET A 242 6.37 16.60 -17.50
N GLU A 243 6.11 15.30 -17.58
CA GLU A 243 6.93 14.33 -16.84
C GLU A 243 8.45 14.54 -16.95
N PRO A 244 9.04 14.80 -18.12
CA PRO A 244 10.50 15.03 -18.15
C PRO A 244 10.98 16.19 -17.29
N LEU A 245 10.15 17.21 -17.05
CA LEU A 245 10.55 18.27 -16.14
C LEU A 245 10.76 17.73 -14.73
N GLY A 246 9.86 16.85 -14.28
CA GLY A 246 10.08 16.19 -13.01
C GLY A 246 11.34 15.34 -13.02
N ALA A 247 11.62 14.69 -14.16
CA ALA A 247 12.88 13.94 -14.28
C ALA A 247 14.09 14.83 -14.07
N LEU A 248 14.07 16.02 -14.70
CA LEU A 248 15.19 16.95 -14.56
C LEU A 248 15.33 17.44 -13.13
N VAL A 249 14.21 17.75 -12.47
CA VAL A 249 14.27 18.19 -11.07
C VAL A 249 14.84 17.09 -10.19
N GLY A 250 14.43 15.85 -10.43
CA GLY A 250 14.95 14.74 -9.64
C GLY A 250 16.44 14.55 -9.81
N VAL A 251 16.91 14.58 -11.06
CA VAL A 251 18.35 14.40 -11.27
C VAL A 251 19.13 15.59 -10.71
N GLY A 252 18.53 16.78 -10.69
CA GLY A 252 19.17 17.91 -10.06
C GLY A 252 19.32 17.75 -8.56
N ILE A 253 18.25 17.30 -7.89
CA ILE A 253 18.31 17.20 -6.44
C ILE A 253 19.08 15.97 -5.96
N SER A 254 19.20 14.93 -6.79
CA SER A 254 19.91 13.73 -6.35
C SER A 254 21.43 13.88 -6.43
N SER A 255 21.93 14.83 -7.20
CA SER A 255 23.36 15.06 -7.29
C SER A 255 23.82 15.85 -6.07
N GLY A 256 25.05 16.33 -6.09
CA GLY A 256 25.59 17.05 -4.95
C GLY A 256 26.43 16.16 -4.06
N PHE A 257 26.32 16.34 -2.75
CA PHE A 257 27.05 15.49 -1.83
C PHE A 257 26.47 14.08 -1.84
N ALA A 258 27.29 13.12 -1.38
CA ALA A 258 26.92 11.72 -1.51
C ALA A 258 25.65 11.40 -0.73
N LEU A 259 25.52 11.93 0.49
CA LEU A 259 24.37 11.61 1.32
C LEU A 259 23.06 12.13 0.73
N ALA A 260 23.14 13.02 -0.26
CA ALA A 260 21.94 13.48 -0.94
C ALA A 260 21.33 12.42 -1.84
N TYR A 261 22.05 11.33 -2.13
CA TYR A 261 21.45 10.27 -2.94
C TYR A 261 20.46 9.42 -2.13
N PRO A 262 20.80 8.90 -0.95
CA PRO A 262 19.78 8.16 -0.19
C PRO A 262 18.56 9.01 0.17
N ILE A 263 18.77 10.27 0.57
CA ILE A 263 17.66 11.12 0.99
C ILE A 263 16.63 11.23 -0.12
N SER A 264 17.09 11.56 -1.34
CA SER A 264 16.17 11.64 -2.47
C SER A 264 15.46 10.32 -2.69
N MET A 265 16.18 9.21 -2.54
CA MET A 265 15.56 7.90 -2.74
C MET A 265 14.37 7.71 -1.83
N GLY A 266 14.38 8.36 -0.67
CA GLY A 266 13.22 8.34 0.20
C GLY A 266 12.19 9.37 -0.26
N LEU A 267 12.67 10.60 -0.49
CA LEU A 267 11.76 11.72 -0.76
C LEU A 267 10.74 11.36 -1.82
N ALA A 268 11.21 11.13 -3.05
CA ALA A 268 10.32 10.75 -4.14
C ALA A 268 9.42 9.61 -3.72
N ALA A 269 10.01 8.56 -3.15
CA ALA A 269 9.24 7.39 -2.74
C ALA A 269 8.08 7.81 -1.86
N GLY A 270 8.37 8.58 -0.80
CA GLY A 270 7.31 9.03 0.07
C GLY A 270 6.23 9.74 -0.70
N ALA A 271 6.63 10.72 -1.52
CA ALA A 271 5.67 11.46 -2.32
C ALA A 271 4.80 10.49 -3.10
N MET A 272 5.43 9.55 -3.80
CA MET A 272 4.67 8.59 -4.60
C MET A 272 3.66 7.87 -3.72
N ILE A 273 4.12 7.28 -2.61
CA ILE A 273 3.19 6.59 -1.73
C ILE A 273 2.06 7.52 -1.33
N PHE A 274 2.43 8.73 -0.90
CA PHE A 274 1.43 9.68 -0.46
C PHE A 274 0.38 9.86 -1.53
N VAL A 275 0.82 10.18 -2.76
CA VAL A 275 -0.16 10.57 -3.76
C VAL A 275 -1.18 9.47 -3.91
N VAL A 276 -0.70 8.21 -3.92
CA VAL A 276 -1.59 7.07 -4.12
C VAL A 276 -2.78 7.21 -3.20
N SER A 277 -2.52 7.18 -1.90
CA SER A 277 -3.63 7.27 -0.96
C SER A 277 -4.37 8.55 -1.26
N HIS A 278 -3.70 9.68 -1.02
CA HIS A 278 -4.46 10.91 -0.95
C HIS A 278 -5.02 11.30 -2.29
N GLU A 279 -4.74 10.55 -3.35
CA GLU A 279 -5.32 10.94 -4.61
C GLU A 279 -5.92 9.78 -5.38
N VAL A 280 -5.63 8.53 -5.01
CA VAL A 280 -5.97 7.46 -5.94
C VAL A 280 -6.83 6.40 -5.25
N ILE A 281 -6.66 6.26 -3.94
CA ILE A 281 -7.40 5.20 -3.25
C ILE A 281 -8.86 5.62 -3.10
N PRO A 282 -9.16 6.86 -2.67
CA PRO A 282 -10.47 7.42 -3.03
C PRO A 282 -10.55 7.54 -4.54
N GLU A 283 -11.76 7.38 -5.06
CA GLU A 283 -12.10 7.25 -6.48
C GLU A 283 -11.82 5.84 -6.99
N THR A 284 -11.32 4.93 -6.16
CA THR A 284 -11.16 3.54 -6.57
C THR A 284 -11.76 2.62 -5.51
N HIS A 285 -11.88 3.13 -4.28
CA HIS A 285 -12.43 2.37 -3.16
C HIS A 285 -13.68 3.04 -2.62
N ARG A 286 -14.55 3.51 -3.51
CA ARG A 286 -15.71 4.30 -3.14
C ARG A 286 -16.99 3.56 -3.48
N ASN A 287 -17.84 3.35 -2.48
CA ASN A 287 -19.23 2.91 -2.65
C ASN A 287 -19.30 1.57 -3.39
N GLY A 288 -18.78 0.55 -2.73
CA GLY A 288 -18.85 -0.81 -3.26
C GLY A 288 -18.06 -1.06 -4.51
N HIS A 289 -16.84 -0.52 -4.60
CA HIS A 289 -15.94 -0.79 -5.70
C HIS A 289 -14.62 -1.39 -5.23
N GLU A 290 -14.60 -2.00 -4.04
CA GLU A 290 -13.34 -2.45 -3.46
C GLU A 290 -12.79 -3.69 -4.16
N THR A 291 -13.67 -4.57 -4.63
CA THR A 291 -13.23 -5.88 -5.11
C THR A 291 -12.35 -5.75 -6.35
N THR A 292 -12.84 -5.04 -7.36
CA THR A 292 -12.07 -4.89 -8.59
C THR A 292 -10.79 -4.12 -8.36
N ALA A 293 -10.85 -3.07 -7.54
CA ALA A 293 -9.65 -2.30 -7.24
C ALA A 293 -8.60 -3.16 -6.55
N THR A 294 -9.02 -3.99 -5.60
CA THR A 294 -8.07 -4.84 -4.89
C THR A 294 -7.45 -5.89 -5.82
N VAL A 295 -8.27 -6.48 -6.69
CA VAL A 295 -7.74 -7.49 -7.61
C VAL A 295 -6.71 -6.86 -8.55
N GLY A 296 -7.03 -5.68 -9.08
CA GLY A 296 -6.07 -4.97 -9.92
C GLY A 296 -4.80 -4.60 -9.16
N LEU A 297 -4.96 -4.20 -7.90
CA LEU A 297 -3.80 -3.85 -7.08
C LEU A 297 -2.87 -5.04 -6.92
N MET A 298 -3.43 -6.21 -6.64
CA MET A 298 -2.58 -7.39 -6.45
C MET A 298 -1.92 -7.79 -7.76
N ALA A 299 -2.64 -7.69 -8.89
CA ALA A 299 -2.03 -8.00 -10.17
C ALA A 299 -0.85 -7.07 -10.46
N GLY A 300 -1.02 -5.77 -10.22
CA GLY A 300 0.09 -4.85 -10.42
C GLY A 300 1.26 -5.12 -9.50
N PHE A 301 0.96 -5.47 -8.24
CA PHE A 301 2.01 -5.85 -7.30
C PHE A 301 2.85 -7.00 -7.84
N ALA A 302 2.17 -8.05 -8.33
CA ALA A 302 2.89 -9.20 -8.88
C ALA A 302 3.71 -8.83 -10.10
N LEU A 303 3.15 -7.99 -10.99
CA LEU A 303 3.88 -7.63 -12.20
C LEU A 303 5.14 -6.84 -11.86
N MET A 304 5.04 -5.89 -10.94
CA MET A 304 6.22 -5.14 -10.52
C MET A 304 7.24 -6.06 -9.86
N MET A 305 6.77 -7.08 -9.13
CA MET A 305 7.68 -8.05 -8.54
C MET A 305 8.47 -8.79 -9.62
N PHE A 306 7.77 -9.21 -10.68
CA PHE A 306 8.46 -9.85 -11.81
C PHE A 306 9.50 -8.92 -12.40
N LEU A 307 9.12 -7.67 -12.65
CA LEU A 307 10.06 -6.72 -13.26
C LEU A 307 11.29 -6.53 -12.39
N ASP A 308 11.10 -6.39 -11.08
CA ASP A 308 12.22 -6.22 -10.17
C ASP A 308 13.16 -7.41 -10.22
N THR A 309 12.62 -8.62 -10.10
CA THR A 309 13.51 -9.78 -10.02
C THR A 309 14.14 -10.14 -11.35
N ALA A 310 13.58 -9.68 -12.47
CA ALA A 310 14.10 -10.07 -13.79
C ALA A 310 14.97 -9.00 -14.42
N LEU A 311 14.45 -7.78 -14.55
CA LEU A 311 15.13 -6.76 -15.36
C LEU A 311 16.43 -6.28 -14.73
N GLY A 312 16.60 -6.43 -13.42
CA GLY A 312 17.82 -6.02 -12.76
C GLY A 312 17.63 -5.68 -11.29
N SER B 9 -32.77 -25.69 10.68
CA SER B 9 -33.27 -24.34 10.90
C SER B 9 -32.28 -23.30 10.38
N LEU B 10 -31.37 -22.87 11.27
CA LEU B 10 -30.35 -21.90 10.87
C LEU B 10 -29.47 -22.44 9.76
N ALA B 11 -29.13 -23.73 9.82
CA ALA B 11 -28.32 -24.34 8.78
C ALA B 11 -29.01 -24.26 7.43
N ALA B 12 -30.32 -24.48 7.39
CA ALA B 12 -31.05 -24.43 6.13
C ALA B 12 -31.01 -23.04 5.53
N ASP B 13 -31.28 -22.01 6.34
CA ASP B 13 -31.26 -20.64 5.82
C ASP B 13 -29.87 -20.25 5.35
N LEU B 14 -28.84 -20.63 6.12
CA LEU B 14 -27.48 -20.32 5.72
C LEU B 14 -27.10 -21.03 4.43
N ARG B 15 -27.54 -22.28 4.28
CA ARG B 15 -27.28 -23.02 3.05
C ARG B 15 -27.96 -22.36 1.85
N GLY B 16 -29.20 -21.92 2.02
CA GLY B 16 -29.88 -21.21 0.94
C GLY B 16 -29.18 -19.92 0.58
N ALA B 17 -28.70 -19.18 1.59
CA ALA B 17 -27.95 -17.97 1.33
C ALA B 17 -26.67 -18.27 0.56
N TRP B 18 -25.97 -19.33 0.95
CA TRP B 18 -24.75 -19.71 0.24
C TRP B 18 -25.03 -20.06 -1.20
N HIS B 19 -26.10 -20.82 -1.45
CA HIS B 19 -26.44 -21.18 -2.83
C HIS B 19 -26.79 -19.95 -3.66
N ALA B 20 -27.58 -19.04 -3.09
CA ALA B 20 -27.94 -17.83 -3.82
C ALA B 20 -26.70 -17.00 -4.13
N GLN B 21 -25.76 -16.92 -3.18
CA GLN B 21 -24.53 -16.18 -3.42
C GLN B 21 -23.69 -16.86 -4.50
N ALA B 22 -23.66 -18.19 -4.51
CA ALA B 22 -22.90 -18.90 -5.53
C ALA B 22 -23.48 -18.71 -6.92
N GLN B 23 -24.81 -18.57 -7.02
CA GLN B 23 -25.41 -18.32 -8.33
C GLN B 23 -25.01 -16.96 -8.90
N SER B 24 -24.55 -16.04 -8.07
CA SER B 24 -24.25 -14.68 -8.51
C SER B 24 -22.78 -14.42 -8.74
N HIS B 25 -21.89 -15.14 -8.06
CA HIS B 25 -20.45 -14.93 -8.16
C HIS B 25 -19.76 -16.26 -8.44
N PRO B 26 -19.75 -16.70 -9.70
CA PRO B 26 -19.12 -17.99 -9.99
C PRO B 26 -17.60 -17.94 -9.94
N LEU B 27 -16.99 -16.87 -10.45
CA LEU B 27 -15.54 -16.81 -10.49
C LEU B 27 -14.94 -16.84 -9.09
N ILE B 28 -15.55 -16.13 -8.15
CA ILE B 28 -15.05 -16.14 -6.78
C ILE B 28 -15.22 -17.53 -6.16
N THR B 29 -16.30 -18.22 -6.49
CA THR B 29 -16.49 -19.58 -5.98
C THR B 29 -15.40 -20.51 -6.48
N LEU B 30 -15.08 -20.43 -7.78
CA LEU B 30 -14.01 -21.26 -8.33
C LEU B 30 -12.66 -20.90 -7.71
N GLY B 31 -12.40 -19.61 -7.52
CA GLY B 31 -11.16 -19.21 -6.87
C GLY B 31 -11.05 -19.75 -5.46
N LEU B 32 -12.14 -19.70 -4.70
CA LEU B 32 -12.13 -20.24 -3.35
C LEU B 32 -11.89 -21.75 -3.36
N ALA B 33 -12.53 -22.45 -4.30
CA ALA B 33 -12.33 -23.89 -4.39
C ALA B 33 -10.87 -24.24 -4.67
N ALA B 34 -10.27 -23.57 -5.65
CA ALA B 34 -8.88 -23.84 -5.99
C ALA B 34 -7.94 -23.51 -4.82
N SER B 35 -8.16 -22.35 -4.19
CA SER B 35 -7.30 -21.95 -3.09
C SER B 35 -7.43 -22.90 -1.90
N ALA B 36 -8.66 -23.34 -1.59
CA ALA B 36 -8.84 -24.29 -0.51
C ALA B 36 -8.15 -25.61 -0.81
N ALA B 37 -8.23 -26.07 -2.06
CA ALA B 37 -7.52 -27.30 -2.42
C ALA B 37 -6.02 -27.14 -2.21
N GLY B 38 -5.46 -26.02 -2.67
CA GLY B 38 -4.04 -25.80 -2.49
C GLY B 38 -3.63 -25.76 -1.03
N VAL B 39 -4.41 -25.05 -0.21
CA VAL B 39 -4.08 -24.90 1.21
C VAL B 39 -4.18 -26.24 1.92
N VAL B 40 -5.21 -27.04 1.61
CA VAL B 40 -5.36 -28.31 2.29
C VAL B 40 -4.26 -29.29 1.88
N LEU B 41 -3.84 -29.25 0.61
CA LEU B 41 -2.70 -30.09 0.21
C LEU B 41 -1.43 -29.66 0.94
N LEU B 42 -1.19 -28.35 1.05
CA LEU B 42 -0.02 -27.88 1.76
C LEU B 42 -0.05 -28.32 3.22
N LEU B 43 -1.22 -28.26 3.84
CA LEU B 43 -1.33 -28.65 5.25
C LEU B 43 -1.15 -30.15 5.44
N VAL B 44 -1.64 -30.95 4.50
CA VAL B 44 -1.40 -32.39 4.57
C VAL B 44 0.09 -32.69 4.47
N ALA B 45 0.78 -32.04 3.53
CA ALA B 45 2.22 -32.23 3.42
C ALA B 45 2.93 -31.82 4.70
N GLY B 46 2.52 -30.70 5.30
CA GLY B 46 3.12 -30.27 6.55
C GLY B 46 2.92 -31.26 7.67
N ILE B 47 1.72 -31.82 7.78
CA ILE B 47 1.44 -32.80 8.83
C ILE B 47 2.29 -34.06 8.62
N VAL B 48 2.41 -34.50 7.37
CA VAL B 48 3.24 -35.68 7.09
C VAL B 48 4.68 -35.41 7.49
N ASN B 49 5.22 -34.26 7.11
CA ASN B 49 6.60 -33.94 7.47
C ASN B 49 6.77 -33.88 8.99
N ALA B 50 5.80 -33.26 9.68
CA ALA B 50 5.87 -33.18 11.13
C ALA B 50 5.86 -34.57 11.76
N LEU B 51 5.11 -35.51 11.17
CA LEU B 51 5.12 -36.88 11.67
C LEU B 51 6.45 -37.58 11.41
N THR B 52 7.10 -37.28 10.28
CA THR B 52 8.34 -37.99 9.95
C THR B 52 9.58 -37.31 10.54
N GLY B 53 9.78 -36.03 10.26
CA GLY B 53 10.97 -35.31 10.68
C GLY B 53 10.87 -34.79 12.10
N GLU B 54 11.76 -33.85 12.42
CA GLU B 54 11.83 -33.24 13.76
C GLU B 54 12.03 -31.74 13.61
N ASN B 55 10.93 -30.99 13.62
CA ASN B 55 10.94 -29.53 13.57
C ASN B 55 10.10 -28.96 14.71
N ARG B 56 10.33 -29.45 15.93
CA ARG B 56 9.53 -29.03 17.07
C ARG B 56 9.89 -27.63 17.55
N VAL B 57 11.17 -27.26 17.47
CA VAL B 57 11.59 -25.95 17.98
C VAL B 57 10.90 -24.83 17.21
N HIS B 58 10.63 -25.06 15.92
CA HIS B 58 9.92 -24.07 15.13
C HIS B 58 8.48 -23.92 15.60
N VAL B 59 7.86 -25.03 16.01
CA VAL B 59 6.53 -24.96 16.60
C VAL B 59 6.57 -24.14 17.88
N GLY B 60 7.62 -24.34 18.70
CA GLY B 60 7.74 -23.55 19.91
C GLY B 60 7.88 -22.07 19.63
N TYR B 61 8.70 -21.72 18.65
CA TYR B 61 8.86 -20.31 18.28
C TYR B 61 7.54 -19.73 17.80
N ALA B 62 6.81 -20.47 16.97
CA ALA B 62 5.54 -19.97 16.44
C ALA B 62 4.52 -19.77 17.55
N VAL B 63 4.41 -20.72 18.47
CA VAL B 63 3.42 -20.56 19.55
C VAL B 63 3.82 -19.42 20.47
N LEU B 64 5.12 -19.22 20.71
CA LEU B 64 5.52 -18.09 21.54
C LEU B 64 5.22 -16.76 20.87
N GLY B 65 5.43 -16.68 19.55
CA GLY B 65 5.06 -15.46 18.84
C GLY B 65 3.56 -15.20 18.87
N GLY B 66 2.76 -16.25 18.71
CA GLY B 66 1.32 -16.10 18.84
C GLY B 66 0.91 -15.65 20.23
N ALA B 67 1.58 -16.17 21.25
CA ALA B 67 1.31 -15.74 22.62
C ALA B 67 1.63 -14.27 22.81
N ALA B 68 2.74 -13.81 22.22
CA ALA B 68 3.08 -12.39 22.30
C ALA B 68 2.02 -11.53 21.62
N GLY B 69 1.56 -11.95 20.45
CA GLY B 69 0.48 -11.23 19.79
C GLY B 69 -0.79 -11.19 20.60
N PHE B 70 -1.15 -12.31 21.23
CA PHE B 70 -2.33 -12.36 22.08
C PHE B 70 -2.19 -11.41 23.27
N ALA B 71 -1.00 -11.37 23.88
CA ALA B 71 -0.78 -10.46 25.00
C ALA B 71 -0.90 -9.01 24.54
N ALA B 72 -0.39 -8.68 23.37
CA ALA B 72 -0.50 -7.32 22.85
C ALA B 72 -1.97 -6.94 22.65
N THR B 73 -2.74 -7.84 22.04
CA THR B 73 -4.16 -7.55 21.83
C THR B 73 -4.91 -7.40 23.16
N ALA B 74 -4.59 -8.27 24.13
CA ALA B 74 -5.24 -8.18 25.43
C ALA B 74 -4.91 -6.87 26.13
N LEU B 75 -3.65 -6.43 26.04
CA LEU B 75 -3.28 -5.15 26.63
C LEU B 75 -4.02 -3.99 25.96
N GLY B 76 -4.10 -4.03 24.62
CA GLY B 76 -4.86 -3.00 23.93
C GLY B 76 -6.32 -2.97 24.36
N ALA B 77 -6.91 -4.15 24.55
CA ALA B 77 -8.29 -4.21 25.02
C ALA B 77 -8.43 -3.64 26.42
N LEU B 78 -7.51 -3.99 27.32
CA LEU B 78 -7.57 -3.48 28.69
C LEU B 78 -7.34 -1.98 28.74
N MET B 79 -6.69 -1.41 27.73
CA MET B 79 -6.51 0.04 27.68
C MET B 79 -7.85 0.78 27.53
N ALA B 80 -8.91 0.07 27.15
CA ALA B 80 -10.20 0.71 26.87
C ALA B 80 -11.03 0.97 28.11
N LEU B 81 -10.57 0.58 29.30
CA LEU B 81 -11.34 0.85 30.50
C LEU B 81 -11.16 2.28 31.01
N GLY B 82 -10.29 3.07 30.39
CA GLY B 82 -10.06 4.42 30.85
C GLY B 82 -10.25 5.49 29.79
N LEU B 83 -10.18 5.10 28.52
CA LEU B 83 -10.25 6.10 27.46
C LEU B 83 -11.67 6.62 27.26
N ARG B 84 -12.67 5.75 27.33
CA ARG B 84 -14.08 6.16 27.34
C ARG B 84 -14.46 6.92 26.08
N ALA B 85 -14.50 6.18 24.97
CA ALA B 85 -15.04 6.66 23.69
C ALA B 85 -14.25 7.84 23.14
N ILE B 86 -13.03 7.53 22.72
CA ILE B 86 -12.13 8.46 22.03
C ILE B 86 -12.77 9.00 20.76
N SER B 87 -12.26 10.10 20.25
CA SER B 87 -12.84 10.79 19.11
C SER B 87 -12.53 10.03 17.81
N ALA B 88 -12.96 10.60 16.68
CA ALA B 88 -12.82 9.94 15.39
C ALA B 88 -11.49 10.19 14.71
N ARG B 89 -10.90 11.37 14.92
CA ARG B 89 -9.59 11.64 14.34
C ARG B 89 -8.53 10.69 14.90
N THR B 90 -8.57 10.44 16.21
CA THR B 90 -7.64 9.49 16.80
C THR B 90 -7.84 8.09 16.25
N GLN B 91 -9.09 7.69 16.05
CA GLN B 91 -9.37 6.37 15.50
C GLN B 91 -8.81 6.25 14.07
N ASP B 92 -9.03 7.28 13.26
CA ASP B 92 -8.48 7.26 11.90
C ASP B 92 -6.97 7.18 11.92
N ALA B 93 -6.32 7.97 12.78
CA ALA B 93 -4.86 7.96 12.84
C ALA B 93 -4.34 6.59 13.27
N MET B 94 -4.95 5.99 14.29
CA MET B 94 -4.46 4.69 14.77
C MET B 94 -4.65 3.61 13.72
N LEU B 95 -5.81 3.61 13.05
CA LEU B 95 -6.05 2.58 12.05
C LEU B 95 -5.16 2.76 10.83
N GLY B 96 -4.87 4.02 10.47
CA GLY B 96 -3.92 4.26 9.40
C GLY B 96 -2.51 3.79 9.76
N PHE B 97 -2.10 4.04 11.01
CA PHE B 97 -0.81 3.54 11.47
C PHE B 97 -0.75 2.02 11.41
N ALA B 98 -1.82 1.36 11.85
CA ALA B 98 -1.87 -0.10 11.80
C ALA B 98 -1.81 -0.62 10.37
N ALA B 99 -2.54 0.03 9.45
CA ALA B 99 -2.52 -0.39 8.06
C ALA B 99 -1.15 -0.21 7.45
N GLY B 100 -0.48 0.90 7.76
CA GLY B 100 0.87 1.10 7.27
C GLY B 100 1.84 0.06 7.82
N MET B 101 1.73 -0.26 9.11
CA MET B 101 2.56 -1.31 9.69
C MET B 101 2.34 -2.64 8.97
N MET B 102 1.08 -3.02 8.78
CA MET B 102 0.77 -4.29 8.11
C MET B 102 1.33 -4.30 6.69
N LEU B 103 1.13 -3.21 5.94
CA LEU B 103 1.58 -3.16 4.56
C LEU B 103 3.10 -3.26 4.45
N ALA B 104 3.81 -2.45 5.25
CA ALA B 104 5.27 -2.44 5.16
C ALA B 104 5.86 -3.76 5.64
N ALA B 105 5.34 -4.31 6.75
CA ALA B 105 5.81 -5.60 7.23
C ALA B 105 5.60 -6.67 6.16
N SER B 106 4.38 -6.75 5.62
CA SER B 106 4.11 -7.68 4.53
C SER B 106 5.16 -7.53 3.44
N ALA B 107 5.22 -6.35 2.82
CA ALA B 107 6.11 -6.14 1.68
C ALA B 107 7.53 -6.60 1.99
N PHE B 108 8.20 -5.92 2.93
CA PHE B 108 9.59 -6.24 3.19
C PHE B 108 9.75 -7.67 3.66
N SER B 109 9.23 -7.96 4.86
CA SER B 109 9.58 -9.19 5.57
C SER B 109 8.95 -10.44 4.97
N LEU B 110 8.06 -10.31 3.97
CA LEU B 110 7.48 -11.49 3.38
C LEU B 110 7.62 -11.53 1.86
N ILE B 111 8.28 -10.56 1.25
CA ILE B 111 8.64 -10.65 -0.16
C ILE B 111 10.15 -10.80 -0.34
N LEU B 112 10.94 -9.97 0.34
CA LEU B 112 12.39 -10.06 0.13
C LEU B 112 12.97 -11.38 0.62
N PRO B 113 12.73 -11.84 1.86
CA PRO B 113 13.26 -13.17 2.25
C PRO B 113 12.72 -14.29 1.39
N GLY B 114 11.44 -14.21 0.99
CA GLY B 114 10.88 -15.23 0.13
C GLY B 114 11.58 -15.29 -1.21
N LEU B 115 11.84 -14.12 -1.80
CA LEU B 115 12.55 -14.09 -3.08
C LEU B 115 13.96 -14.65 -2.94
N ASP B 116 14.66 -14.31 -1.87
CA ASP B 116 16.01 -14.83 -1.68
C ASP B 116 16.00 -16.35 -1.52
N ALA B 117 15.08 -16.87 -0.70
CA ALA B 117 15.02 -18.31 -0.49
C ALA B 117 14.64 -19.05 -1.77
N ALA B 118 13.66 -18.53 -2.50
CA ALA B 118 13.25 -19.17 -3.75
C ALA B 118 14.37 -19.14 -4.78
N GLY B 119 15.10 -18.03 -4.87
CA GLY B 119 16.24 -17.97 -5.76
C GLY B 119 17.33 -18.95 -5.37
N THR B 120 17.51 -19.17 -4.07
CA THR B 120 18.44 -20.21 -3.63
C THR B 120 17.99 -21.59 -4.09
N ILE B 121 16.70 -21.89 -3.95
CA ILE B 121 16.23 -23.24 -4.26
C ILE B 121 16.23 -23.50 -5.76
N VAL B 122 15.68 -22.59 -6.55
CA VAL B 122 15.40 -22.86 -7.96
C VAL B 122 16.35 -22.13 -8.91
N GLY B 123 16.96 -21.03 -8.49
CA GLY B 123 17.83 -20.27 -9.36
C GLY B 123 17.35 -18.85 -9.54
N PRO B 124 18.27 -17.89 -9.44
CA PRO B 124 17.88 -16.48 -9.54
C PRO B 124 17.27 -16.15 -10.90
N GLY B 125 16.32 -15.23 -10.89
CA GLY B 125 15.64 -14.83 -12.09
C GLY B 125 14.14 -14.74 -11.91
N PRO B 126 13.38 -15.02 -12.96
CA PRO B 126 11.92 -14.96 -12.87
C PRO B 126 11.27 -16.14 -12.16
N ALA B 127 12.00 -17.22 -11.89
CA ALA B 127 11.38 -18.39 -11.28
C ALA B 127 10.97 -18.13 -9.83
N ALA B 128 11.80 -17.40 -9.09
CA ALA B 128 11.42 -17.01 -7.74
C ALA B 128 10.18 -16.13 -7.76
N ALA B 129 10.12 -15.20 -8.71
CA ALA B 129 8.92 -14.40 -8.88
C ALA B 129 7.71 -15.28 -9.16
N ALA B 130 7.88 -16.30 -9.99
CA ALA B 130 6.77 -17.18 -10.32
C ALA B 130 6.23 -17.89 -9.09
N VAL B 131 7.13 -18.45 -8.27
CA VAL B 131 6.66 -19.20 -7.11
C VAL B 131 5.99 -18.27 -6.09
N VAL B 132 6.59 -17.10 -5.82
CA VAL B 132 5.99 -16.24 -4.81
C VAL B 132 4.70 -15.60 -5.35
N ALA B 133 4.60 -15.40 -6.67
CA ALA B 133 3.35 -14.89 -7.23
C ALA B 133 2.25 -15.94 -7.18
N LEU B 134 2.60 -17.21 -7.34
CA LEU B 134 1.62 -18.27 -7.11
C LEU B 134 1.13 -18.21 -5.67
N GLY B 135 2.03 -17.99 -4.72
CA GLY B 135 1.62 -17.81 -3.33
C GLY B 135 0.66 -16.63 -3.17
N LEU B 136 0.99 -15.50 -3.80
CA LEU B 136 0.12 -14.32 -3.69
C LEU B 136 -1.26 -14.61 -4.24
N GLY B 137 -1.34 -15.27 -5.39
CA GLY B 137 -2.63 -15.61 -5.95
C GLY B 137 -3.44 -16.51 -5.04
N LEU B 138 -2.80 -17.52 -4.46
CA LEU B 138 -3.50 -18.40 -3.53
C LEU B 138 -4.07 -17.63 -2.35
N GLY B 139 -3.25 -16.76 -1.76
CA GLY B 139 -3.71 -16.00 -0.60
C GLY B 139 -4.87 -15.08 -0.92
N VAL B 140 -4.76 -14.36 -2.04
CA VAL B 140 -5.81 -13.42 -2.41
C VAL B 140 -7.11 -14.17 -2.69
N LEU B 141 -7.03 -15.28 -3.41
CA LEU B 141 -8.25 -16.05 -3.68
C LEU B 141 -8.89 -16.56 -2.40
N LEU B 142 -8.07 -17.08 -1.47
CA LEU B 142 -8.61 -17.55 -0.20
C LEU B 142 -9.35 -16.45 0.52
N MET B 143 -8.71 -15.29 0.68
CA MET B 143 -9.31 -14.22 1.47
C MET B 143 -10.55 -13.66 0.79
N LEU B 144 -10.54 -13.55 -0.54
CA LEU B 144 -11.70 -13.02 -1.25
C LEU B 144 -12.90 -13.96 -1.12
N GLY B 145 -12.67 -15.25 -1.33
CA GLY B 145 -13.75 -16.21 -1.15
C GLY B 145 -14.29 -16.21 0.26
N LEU B 146 -13.39 -16.09 1.24
CA LEU B 146 -13.84 -16.05 2.63
C LEU B 146 -14.69 -14.82 2.91
N ASP B 147 -14.24 -13.64 2.48
CA ASP B 147 -14.98 -12.43 2.86
C ASP B 147 -16.26 -12.31 2.05
N TYR B 148 -16.40 -13.05 0.94
CA TYR B 148 -17.69 -13.09 0.26
C TYR B 148 -18.61 -14.20 0.75
N PHE B 149 -18.07 -15.23 1.42
CA PHE B 149 -18.90 -16.34 1.87
C PHE B 149 -19.03 -16.38 3.39
N THR B 150 -18.77 -15.26 4.06
CA THR B 150 -18.88 -15.20 5.51
C THR B 150 -19.83 -14.08 5.94
N PRO B 151 -20.83 -14.38 6.75
CA PRO B 151 -21.79 -13.35 7.17
C PRO B 151 -21.24 -12.42 8.24
N HIS B 152 -20.54 -11.36 7.85
CA HIS B 152 -19.99 -10.40 8.78
C HIS B 152 -20.60 -9.03 8.55
N GLU B 153 -20.20 -8.07 9.38
CA GLU B 153 -20.52 -6.66 9.15
C GLU B 153 -19.34 -5.81 9.57
N HIS B 154 -19.08 -4.76 8.81
CA HIS B 154 -18.06 -3.79 9.16
C HIS B 154 -18.70 -2.64 9.92
N GLU B 155 -17.87 -1.86 10.62
CA GLU B 155 -18.40 -0.86 11.53
C GLU B 155 -19.20 0.21 10.80
N ARG B 156 -18.73 0.65 9.64
CA ARG B 156 -19.35 1.76 8.92
C ARG B 156 -19.96 1.35 7.59
N THR B 157 -19.32 0.47 6.83
CA THR B 157 -19.81 0.15 5.49
C THR B 157 -21.19 -0.50 5.56
N GLY B 158 -21.39 -1.42 6.49
CA GLY B 158 -22.68 -2.07 6.61
C GLY B 158 -22.57 -3.57 6.79
N HIS B 159 -23.55 -4.31 6.26
CA HIS B 159 -23.61 -5.76 6.38
C HIS B 159 -23.04 -6.35 5.09
N GLN B 160 -21.87 -6.96 5.20
CA GLN B 160 -21.15 -7.52 4.05
C GLN B 160 -21.21 -9.04 4.11
N GLY B 161 -21.61 -9.67 3.01
CA GLY B 161 -21.65 -11.11 2.93
C GLY B 161 -23.04 -11.64 2.68
N PRO B 162 -23.20 -12.96 2.84
CA PRO B 162 -24.53 -13.55 2.64
C PRO B 162 -25.51 -13.08 3.70
N GLU B 163 -26.78 -13.00 3.30
CA GLU B 163 -27.81 -12.52 4.19
C GLU B 163 -28.17 -13.57 5.22
N ALA B 164 -28.25 -13.16 6.50
CA ALA B 164 -28.74 -14.04 7.56
C ALA B 164 -29.27 -13.15 8.68
N ALA B 165 -30.58 -12.97 8.73
CA ALA B 165 -31.21 -12.17 9.78
C ALA B 165 -31.67 -13.04 10.93
N ARG B 166 -30.77 -13.88 11.43
CA ARG B 166 -31.09 -14.77 12.55
C ARG B 166 -29.98 -14.83 13.58
N VAL B 167 -28.96 -14.00 13.46
CA VAL B 167 -27.87 -13.92 14.43
C VAL B 167 -27.67 -12.46 14.81
N ASN B 168 -27.30 -12.23 16.06
CA ASN B 168 -27.12 -10.88 16.56
C ASN B 168 -25.92 -10.22 15.91
N ARG B 169 -25.89 -8.89 15.98
CA ARG B 169 -24.82 -8.12 15.34
C ARG B 169 -23.47 -8.36 16.01
N VAL B 170 -23.45 -8.75 17.28
CA VAL B 170 -22.20 -9.01 17.98
C VAL B 170 -21.42 -10.11 17.28
N TRP B 171 -22.12 -11.17 16.86
CA TRP B 171 -21.44 -12.28 16.20
C TRP B 171 -20.89 -11.86 14.84
N LEU B 172 -21.60 -11.00 14.12
CA LEU B 172 -21.09 -10.50 12.86
C LEU B 172 -19.82 -9.69 13.07
N PHE B 173 -19.79 -8.85 14.10
CA PHE B 173 -18.58 -8.09 14.36
C PHE B 173 -17.43 -9.00 14.76
N VAL B 174 -17.71 -10.04 15.56
CA VAL B 174 -16.67 -10.99 15.94
C VAL B 174 -16.12 -11.70 14.71
N LEU B 175 -17.00 -12.03 13.76
CA LEU B 175 -16.54 -12.68 12.53
C LEU B 175 -15.65 -11.74 11.71
N THR B 176 -15.99 -10.45 11.68
CA THR B 176 -15.12 -9.48 11.03
C THR B 176 -13.74 -9.46 11.67
N ILE B 177 -13.69 -9.46 13.00
CA ILE B 177 -12.41 -9.48 13.71
C ILE B 177 -11.63 -10.74 13.36
N ILE B 178 -12.31 -11.88 13.32
CA ILE B 178 -11.67 -13.15 12.99
C ILE B 178 -11.04 -13.10 11.61
N LEU B 179 -11.79 -12.55 10.64
CA LEU B 179 -11.26 -12.41 9.29
C LEU B 179 -10.03 -11.52 9.26
N HIS B 180 -10.04 -10.43 10.04
CA HIS B 180 -8.85 -9.57 10.07
C HIS B 180 -7.66 -10.31 10.65
N ASN B 181 -7.86 -11.06 11.74
CA ASN B 181 -6.71 -11.54 12.52
C ASN B 181 -6.22 -12.93 12.15
N LEU B 182 -6.89 -13.66 11.26
CA LEU B 182 -6.32 -14.93 10.81
C LEU B 182 -4.99 -14.76 10.07
N PRO B 183 -4.87 -13.90 9.06
CA PRO B 183 -3.60 -13.83 8.32
C PRO B 183 -2.41 -13.38 9.16
N GLU B 184 -2.63 -12.63 10.24
CA GLU B 184 -1.51 -12.18 11.06
C GLU B 184 -0.82 -13.37 11.75
N GLY B 185 -1.61 -14.22 12.41
CA GLY B 185 -1.05 -15.43 12.97
C GLY B 185 -0.44 -16.32 11.91
N MET B 186 -1.11 -16.42 10.76
CA MET B 186 -0.54 -17.22 9.68
C MET B 186 0.83 -16.71 9.27
N ALA B 187 0.99 -15.38 9.17
CA ALA B 187 2.27 -14.80 8.79
C ALA B 187 3.34 -15.05 9.84
N ILE B 188 2.99 -14.93 11.12
CA ILE B 188 3.96 -15.22 12.18
C ILE B 188 4.47 -16.65 12.06
N GLY B 189 3.53 -17.59 11.96
CA GLY B 189 3.92 -18.99 11.85
C GLY B 189 4.76 -19.27 10.63
N VAL B 190 4.44 -18.62 9.50
CA VAL B 190 5.24 -18.78 8.29
C VAL B 190 6.65 -18.26 8.51
N SER B 191 6.78 -17.12 9.20
CA SER B 191 8.08 -16.48 9.38
C SER B 191 9.04 -17.38 10.16
N PHE B 192 8.58 -17.99 11.24
CA PHE B 192 9.50 -18.80 12.04
C PHE B 192 9.73 -20.20 11.49
N ALA B 193 9.35 -20.46 10.24
CA ALA B 193 9.37 -21.84 9.72
C ALA B 193 10.80 -22.36 9.59
N THR B 194 11.72 -21.51 9.10
CA THR B 194 13.08 -21.94 8.80
C THR B 194 14.08 -21.52 9.87
N GLY B 195 13.64 -21.43 11.13
CA GLY B 195 14.50 -20.84 12.14
C GLY B 195 14.81 -19.42 11.73
N ASP B 196 16.09 -19.04 11.81
CA ASP B 196 16.58 -17.78 11.26
C ASP B 196 15.83 -16.59 11.87
N LEU B 197 16.09 -16.39 13.15
CA LEU B 197 15.42 -15.39 13.97
C LEU B 197 15.40 -13.99 13.35
N ARG B 198 16.21 -13.77 12.31
CA ARG B 198 16.33 -12.45 11.70
C ARG B 198 15.08 -12.02 10.95
N ILE B 199 14.11 -12.90 10.73
CA ILE B 199 12.83 -12.56 10.12
C ILE B 199 11.72 -12.52 11.16
N GLY B 200 11.65 -13.56 12.00
CA GLY B 200 10.55 -13.69 12.92
C GLY B 200 10.47 -12.56 13.92
N LEU B 201 11.61 -12.11 14.43
CA LEU B 201 11.59 -11.01 15.39
C LEU B 201 11.02 -9.73 14.80
N PRO B 202 11.48 -9.24 13.64
CA PRO B 202 10.83 -8.05 13.06
C PRO B 202 9.37 -8.25 12.75
N LEU B 203 9.00 -9.39 12.15
CA LEU B 203 7.60 -9.58 11.78
C LEU B 203 6.70 -9.62 13.01
N THR B 204 7.12 -10.36 14.05
CA THR B 204 6.31 -10.47 15.26
C THR B 204 6.21 -9.14 15.99
N SER B 205 7.32 -8.39 16.06
CA SER B 205 7.27 -7.09 16.71
C SER B 205 6.30 -6.16 16.00
N ALA B 206 6.34 -6.14 14.66
CA ALA B 206 5.41 -5.30 13.92
C ALA B 206 3.97 -5.72 14.15
N ILE B 207 3.71 -7.04 14.17
CA ILE B 207 2.34 -7.52 14.36
C ILE B 207 1.82 -7.10 15.72
N ALA B 208 2.62 -7.27 16.77
CA ALA B 208 2.17 -6.90 18.12
C ALA B 208 1.93 -5.40 18.21
N ILE B 209 2.85 -4.60 17.66
CA ILE B 209 2.72 -3.15 17.74
C ILE B 209 1.47 -2.68 17.02
N GLN B 210 1.10 -3.33 15.90
CA GLN B 210 -0.10 -2.85 15.22
C GLN B 210 -1.36 -3.46 15.81
N ASP B 211 -1.27 -4.59 16.53
CA ASP B 211 -2.44 -5.15 17.17
C ASP B 211 -2.79 -4.51 18.50
N VAL B 212 -1.90 -3.72 19.09
CA VAL B 212 -2.34 -2.95 20.27
C VAL B 212 -3.46 -1.98 19.89
N PRO B 213 -3.24 -1.01 18.99
CA PRO B 213 -4.33 -0.06 18.68
C PRO B 213 -5.56 -0.73 18.08
N GLU B 214 -5.38 -1.78 17.29
CA GLU B 214 -6.52 -2.47 16.71
C GLU B 214 -7.37 -3.11 17.80
N GLY B 215 -6.73 -3.70 18.81
CA GLY B 215 -7.48 -4.24 19.93
C GLY B 215 -8.24 -3.18 20.69
N LEU B 216 -7.61 -2.01 20.89
CA LEU B 216 -8.30 -0.92 21.56
C LEU B 216 -9.53 -0.48 20.77
N ALA B 217 -9.38 -0.31 19.46
CA ALA B 217 -10.49 0.12 18.61
C ALA B 217 -11.61 -0.92 18.60
N VAL B 218 -11.24 -2.21 18.58
CA VAL B 218 -12.24 -3.27 18.64
C VAL B 218 -13.03 -3.21 19.93
N ALA B 219 -12.34 -3.00 21.06
CA ALA B 219 -13.05 -2.90 22.32
C ALA B 219 -14.04 -1.73 22.30
N LEU B 220 -13.61 -0.58 21.80
CA LEU B 220 -14.51 0.57 21.73
C LEU B 220 -15.72 0.29 20.83
N ALA B 221 -15.48 -0.33 19.68
CA ALA B 221 -16.58 -0.61 18.75
C ALA B 221 -17.57 -1.61 19.34
N LEU B 222 -17.07 -2.66 19.98
CA LEU B 222 -17.96 -3.63 20.60
C LEU B 222 -18.75 -3.00 21.75
N ARG B 223 -18.16 -2.03 22.46
CA ARG B 223 -18.94 -1.26 23.41
C ARG B 223 -20.05 -0.50 22.71
N ALA B 224 -19.73 0.11 21.57
CA ALA B 224 -20.73 0.88 20.84
C ALA B 224 -21.89 0.01 20.36
N VAL B 225 -21.62 -1.25 20.04
CA VAL B 225 -22.69 -2.15 19.60
C VAL B 225 -23.69 -2.40 20.72
N GLY B 226 -23.24 -2.38 21.97
CA GLY B 226 -24.17 -2.48 23.08
C GLY B 226 -23.69 -3.23 24.32
N LEU B 227 -22.62 -4.00 24.21
CA LEU B 227 -22.09 -4.69 25.38
C LEU B 227 -21.59 -3.65 26.38
N PRO B 228 -22.00 -3.73 27.66
CA PRO B 228 -21.96 -2.52 28.51
C PRO B 228 -20.58 -1.93 28.71
N ILE B 229 -19.70 -2.58 29.48
CA ILE B 229 -18.28 -2.21 29.48
C ILE B 229 -17.42 -3.45 29.66
N GLY B 230 -18.00 -4.51 30.19
CA GLY B 230 -17.22 -5.64 30.67
C GLY B 230 -17.13 -6.82 29.75
N ARG B 231 -17.91 -6.83 28.68
CA ARG B 231 -17.89 -7.94 27.74
C ARG B 231 -17.16 -7.62 26.46
N ALA B 232 -17.00 -6.33 26.12
CA ALA B 232 -16.22 -5.96 24.95
C ALA B 232 -14.77 -6.39 25.10
N VAL B 233 -14.20 -6.13 26.28
CA VAL B 233 -12.80 -6.49 26.52
C VAL B 233 -12.62 -8.00 26.44
N LEU B 234 -13.61 -8.75 26.92
CA LEU B 234 -13.52 -10.21 26.88
C LEU B 234 -13.47 -10.71 25.43
N VAL B 235 -14.30 -10.14 24.55
CA VAL B 235 -14.32 -10.58 23.16
C VAL B 235 -13.02 -10.18 22.46
N ALA B 236 -12.50 -8.98 22.76
CA ALA B 236 -11.21 -8.60 22.18
C ALA B 236 -10.10 -9.56 22.61
N VAL B 237 -10.09 -9.94 23.89
CA VAL B 237 -9.10 -10.91 24.37
C VAL B 237 -9.32 -12.25 23.69
N ALA B 238 -10.57 -12.60 23.40
CA ALA B 238 -10.85 -13.86 22.70
C ALA B 238 -10.26 -13.87 21.30
N SER B 239 -10.37 -12.75 20.58
CA SER B 239 -9.74 -12.68 19.26
C SER B 239 -8.21 -12.76 19.35
N GLY B 240 -7.64 -12.08 20.36
CA GLY B 240 -6.23 -12.27 20.61
C GLY B 240 -5.88 -13.73 20.83
N LEU B 241 -6.74 -14.45 21.54
CA LEU B 241 -6.55 -15.88 21.73
C LEU B 241 -6.67 -16.64 20.41
N MET B 242 -7.47 -16.13 19.48
CA MET B 242 -7.55 -16.77 18.16
C MET B 242 -6.20 -16.74 17.45
N GLU B 243 -5.49 -15.62 17.54
CA GLU B 243 -4.25 -15.47 16.76
C GLU B 243 -3.29 -16.66 16.81
N PRO B 244 -3.00 -17.28 17.96
CA PRO B 244 -2.10 -18.45 17.95
C PRO B 244 -2.58 -19.60 17.07
N LEU B 245 -3.89 -19.76 16.87
CA LEU B 245 -4.36 -20.79 15.94
C LEU B 245 -3.88 -20.52 14.53
N GLY B 246 -3.94 -19.26 14.10
CA GLY B 246 -3.36 -18.89 12.83
C GLY B 246 -1.87 -19.14 12.79
N ALA B 247 -1.19 -18.89 13.91
CA ALA B 247 0.24 -19.22 13.96
C ALA B 247 0.49 -20.70 13.72
N LEU B 248 -0.30 -21.56 14.36
CA LEU B 248 -0.14 -22.99 14.18
C LEU B 248 -0.43 -23.42 12.75
N VAL B 249 -1.47 -22.86 12.14
CA VAL B 249 -1.78 -23.19 10.76
C VAL B 249 -0.63 -22.77 9.84
N GLY B 250 -0.07 -21.59 10.08
CA GLY B 250 1.04 -21.13 9.26
C GLY B 250 2.26 -22.02 9.38
N VAL B 251 2.62 -22.40 10.60
CA VAL B 251 3.79 -23.26 10.76
C VAL B 251 3.52 -24.64 10.18
N GLY B 252 2.27 -25.09 10.19
CA GLY B 252 1.94 -26.35 9.55
C GLY B 252 2.11 -26.29 8.04
N ILE B 253 1.62 -25.22 7.41
CA ILE B 253 1.68 -25.16 5.95
C ILE B 253 3.06 -24.79 5.44
N SER B 254 3.90 -24.13 6.25
CA SER B 254 5.23 -23.74 5.78
C SER B 254 6.23 -24.89 5.81
N SER B 255 5.96 -25.95 6.56
CA SER B 255 6.85 -27.10 6.60
C SER B 255 6.59 -27.97 5.37
N GLY B 256 7.15 -29.17 5.35
CA GLY B 256 7.01 -30.03 4.20
C GLY B 256 8.20 -29.94 3.26
N PHE B 257 7.96 -29.98 1.97
CA PHE B 257 9.03 -29.84 1.00
C PHE B 257 9.59 -28.42 1.03
N ALA B 258 10.83 -28.28 0.53
CA ALA B 258 11.54 -27.01 0.65
C ALA B 258 10.81 -25.89 -0.07
N LEU B 259 10.31 -26.15 -1.27
CA LEU B 259 9.68 -25.11 -2.07
C LEU B 259 8.38 -24.62 -1.42
N ALA B 260 7.86 -25.32 -0.43
CA ALA B 260 6.69 -24.85 0.29
C ALA B 260 7.01 -23.67 1.21
N TYR B 261 8.29 -23.39 1.47
CA TYR B 261 8.61 -22.22 2.29
C TYR B 261 8.46 -20.92 1.52
N PRO B 262 9.02 -20.74 0.31
CA PRO B 262 8.76 -19.49 -0.42
C PRO B 262 7.29 -19.25 -0.72
N ILE B 263 6.56 -20.31 -1.11
CA ILE B 263 5.16 -20.15 -1.48
C ILE B 263 4.37 -19.54 -0.34
N SER B 264 4.51 -20.12 0.86
CA SER B 264 3.84 -19.58 2.03
C SER B 264 4.23 -18.13 2.27
N MET B 265 5.52 -17.82 2.09
CA MET B 265 5.98 -16.45 2.30
C MET B 265 5.21 -15.47 1.43
N GLY B 266 4.74 -15.92 0.28
CA GLY B 266 3.88 -15.09 -0.54
C GLY B 266 2.44 -15.15 -0.05
N LEU B 267 1.94 -16.36 0.18
CA LEU B 267 0.53 -16.56 0.49
C LEU B 267 0.06 -15.62 1.59
N ALA B 268 0.61 -15.79 2.79
CA ALA B 268 0.25 -14.93 3.91
C ALA B 268 0.38 -13.48 3.52
N ALA B 269 1.52 -13.11 2.92
CA ALA B 269 1.75 -11.73 2.52
C ALA B 269 0.59 -11.21 1.69
N GLY B 270 0.24 -11.96 0.64
CA GLY B 270 -0.88 -11.53 -0.19
C GLY B 270 -2.13 -11.32 0.62
N ALA B 271 -2.48 -12.33 1.43
CA ALA B 271 -3.65 -12.22 2.28
C ALA B 271 -3.60 -10.93 3.08
N MET B 272 -2.46 -10.69 3.75
CA MET B 272 -2.34 -9.49 4.56
C MET B 272 -2.59 -8.25 3.72
N ILE B 273 -1.90 -8.12 2.59
CA ILE B 273 -2.12 -6.96 1.74
C ILE B 273 -3.59 -6.86 1.39
N PHE B 274 -4.17 -7.97 0.95
CA PHE B 274 -5.57 -7.96 0.56
C PHE B 274 -6.42 -7.39 1.68
N VAL B 275 -6.27 -7.96 2.89
CA VAL B 275 -7.22 -7.58 3.93
C VAL B 275 -7.19 -6.08 4.12
N VAL B 276 -5.98 -5.51 4.10
CA VAL B 276 -5.84 -4.07 4.32
C VAL B 276 -6.82 -3.33 3.44
N SER B 277 -6.65 -3.46 2.14
CA SER B 277 -7.55 -2.75 1.24
C SER B 277 -8.96 -3.18 1.58
N HIS B 278 -9.27 -4.44 1.32
CA HIS B 278 -10.67 -4.82 1.28
C HIS B 278 -11.31 -4.74 2.65
N GLU B 279 -10.54 -4.41 3.69
CA GLU B 279 -11.20 -4.32 4.98
C GLU B 279 -10.80 -3.09 5.76
N VAL B 280 -9.74 -2.37 5.37
CA VAL B 280 -9.22 -1.37 6.30
C VAL B 280 -9.14 -0.01 5.64
N ILE B 281 -8.96 0.02 4.32
CA ILE B 281 -8.79 1.30 3.66
C ILE B 281 -10.14 2.00 3.56
N PRO B 282 -11.22 1.33 3.15
CA PRO B 282 -12.54 1.81 3.56
C PRO B 282 -12.63 1.75 5.09
N GLU B 283 -13.39 2.69 5.65
CA GLU B 283 -13.50 2.98 7.08
C GLU B 283 -12.31 3.80 7.57
N THR B 284 -11.34 4.14 6.71
CA THR B 284 -10.26 5.02 7.10
C THR B 284 -10.09 6.12 6.06
N HIS B 285 -10.57 5.87 4.84
CA HIS B 285 -10.49 6.82 3.73
C HIS B 285 -11.87 7.20 3.25
N ARG B 286 -12.79 7.44 4.17
CA ARG B 286 -14.19 7.67 3.86
C ARG B 286 -14.59 9.09 4.24
N ASN B 287 -15.11 9.85 3.26
CA ASN B 287 -15.79 11.11 3.49
C ASN B 287 -14.91 12.12 4.22
N GLY B 288 -13.84 12.52 3.53
CA GLY B 288 -12.95 13.55 4.05
C GLY B 288 -12.16 13.15 5.27
N HIS B 289 -11.64 11.93 5.31
CA HIS B 289 -10.76 11.48 6.38
C HIS B 289 -9.41 11.02 5.85
N GLU B 290 -9.02 11.47 4.67
CA GLU B 290 -7.81 10.94 4.03
C GLU B 290 -6.54 11.44 4.70
N THR B 291 -6.56 12.68 5.20
CA THR B 291 -5.32 13.32 5.65
C THR B 291 -4.73 12.59 6.85
N THR B 292 -5.54 12.38 7.90
CA THR B 292 -5.05 11.72 9.10
C THR B 292 -4.66 10.28 8.81
N ALA B 293 -5.45 9.58 8.01
CA ALA B 293 -5.13 8.21 7.67
C ALA B 293 -3.79 8.12 6.93
N THR B 294 -3.55 9.03 5.99
CA THR B 294 -2.30 9.01 5.24
C THR B 294 -1.11 9.33 6.13
N VAL B 295 -1.26 10.31 7.04
CA VAL B 295 -0.16 10.65 7.94
C VAL B 295 0.18 9.46 8.84
N GLY B 296 -0.84 8.81 9.39
CA GLY B 296 -0.60 7.62 10.19
C GLY B 296 0.03 6.51 9.39
N LEU B 297 -0.39 6.34 8.14
CA LEU B 297 0.17 5.32 7.28
C LEU B 297 1.66 5.53 7.07
N MET B 298 2.05 6.77 6.80
CA MET B 298 3.47 7.04 6.58
C MET B 298 4.28 6.86 7.86
N ALA B 299 3.72 7.25 9.00
CA ALA B 299 4.41 7.03 10.27
C ALA B 299 4.65 5.55 10.53
N GLY B 300 3.63 4.73 10.29
CA GLY B 300 3.79 3.29 10.46
C GLY B 300 4.79 2.70 9.49
N PHE B 301 4.79 3.18 8.25
CA PHE B 301 5.77 2.76 7.26
C PHE B 301 7.19 3.01 7.77
N ALA B 302 7.44 4.22 8.27
CA ALA B 302 8.77 4.55 8.77
C ALA B 302 9.15 3.69 9.98
N LEU B 303 8.19 3.45 10.88
CA LEU B 303 8.52 2.66 12.08
C LEU B 303 8.87 1.22 11.70
N MET B 304 8.11 0.62 10.78
CA MET B 304 8.44 -0.72 10.33
C MET B 304 9.79 -0.74 9.62
N MET B 305 10.13 0.33 8.91
CA MET B 305 11.43 0.42 8.27
C MET B 305 12.55 0.39 9.32
N PHE B 306 12.37 1.16 10.39
CA PHE B 306 13.34 1.13 11.49
C PHE B 306 13.48 -0.28 12.06
N LEU B 307 12.35 -0.94 12.32
CA LEU B 307 12.40 -2.27 12.91
C LEU B 307 13.13 -3.25 11.99
N ASP B 308 12.85 -3.19 10.69
CA ASP B 308 13.51 -4.07 9.74
C ASP B 308 15.02 -3.85 9.75
N THR B 309 15.46 -2.59 9.64
CA THR B 309 16.89 -2.37 9.51
C THR B 309 17.64 -2.57 10.83
N ALA B 310 16.95 -2.54 11.97
CA ALA B 310 17.64 -2.63 13.25
C ALA B 310 17.56 -4.03 13.86
N LEU B 311 16.35 -4.56 14.03
CA LEU B 311 16.18 -5.78 14.81
C LEU B 311 16.76 -7.01 14.13
N GLY B 312 16.93 -6.99 12.82
CA GLY B 312 17.52 -8.11 12.11
C GLY B 312 17.10 -8.20 10.67
CD CD C . 0.60 6.90 -11.67
CD CD D . -5.89 16.25 -4.24
CD CD E . 2.35 9.94 -15.51
C1 PTY F . -1.39 17.72 9.94
C2 PTY F . -5.26 21.74 14.10
C3 PTY F . -4.67 20.86 13.01
O4 PTY F . -0.44 17.02 10.69
C5 PTY F . -3.81 18.28 10.05
C6 PTY F . -2.79 17.16 10.23
O7 PTY F . -2.83 16.69 11.54
C8 PTY F . -2.91 15.29 11.64
O10 PTY F . -3.54 14.68 10.85
C11 PTY F . -2.19 14.57 12.78
C12 PTY F . -1.98 13.10 12.40
C13 PTY F . -0.80 12.55 13.19
C14 PTY F . -1.08 11.11 13.64
C15 PTY F . -0.11 10.15 12.96
C16 PTY F . 0.72 9.42 14.01
C17 PTY F . -0.20 8.53 14.86
C18 PTY F . 0.59 7.35 15.42
C19 PTY F . 1.91 7.84 16.03
C20 PTY F . 2.58 6.69 16.76
C30 PTY F . 0.86 17.11 10.21
C31 PTY F . 1.95 16.20 10.78
O30 PTY F . 1.12 17.89 9.35
C32 PTY F . 2.98 15.90 9.69
C33 PTY F . 3.84 14.72 10.11
C34 PTY F . 4.33 13.97 8.88
C35 PTY F . 5.16 12.76 9.32
C36 PTY F . 5.11 11.69 8.23
C37 PTY F . 6.49 11.04 8.07
C38 PTY F . 7.13 10.79 9.44
C39 PTY F . 8.37 9.92 9.25
C40 PTY F . 9.40 10.28 10.33
C41 PTY F . 10.43 11.24 9.75
C42 PTY F . 11.46 11.59 10.82
C43 PTY F . 12.30 10.37 11.14
C44 PTY F . 13.59 10.81 11.83
P1 PTY F . -4.07 20.85 10.46
O11 PTY F . -4.88 21.46 11.77
O12 PTY F . -5.02 20.72 9.29
O13 PTY F . -2.94 21.79 10.10
O14 PTY F . -3.45 19.38 10.83
N1 PTY F . -5.62 20.93 15.24
C1 PTY G . -13.57 -11.76 -9.43
C2 PTY G . -19.32 -11.98 -13.38
C3 PTY G . -18.24 -11.75 -12.32
O4 PTY G . -12.44 -11.89 -10.23
C5 PTY G . -15.72 -10.48 -9.45
C6 PTY G . -14.21 -10.39 -9.68
O7 PTY G . -13.96 -10.00 -11.01
C8 PTY G . -13.08 -8.93 -11.13
O10 PTY G . -13.08 -8.06 -10.34
C11 PTY G . -12.10 -8.89 -12.31
C12 PTY G . -10.92 -7.98 -11.97
C13 PTY G . -9.71 -8.39 -12.81
C14 PTY G . -8.95 -7.14 -13.28
C15 PTY G . -7.56 -7.13 -12.65
C16 PTY G . -6.49 -7.15 -13.74
C17 PTY G . -6.57 -5.87 -14.58
C18 PTY G . -5.21 -5.55 -15.19
C19 PTY G . -4.62 -6.81 -15.83
C20 PTY G . -3.36 -6.44 -16.61
C30 PTY G . -11.53 -12.86 -9.78
C31 PTY G . -10.15 -12.95 -10.40
O30 PTY G . -11.85 -13.62 -8.93
C32 PTY G . -9.15 -13.44 -9.36
C33 PTY G . -7.73 -13.18 -9.84
C34 PTY G . -6.81 -12.98 -8.64
C35 PTY G . -5.40 -12.68 -9.12
C36 PTY G . -4.66 -11.87 -8.07
C37 PTY G . -3.21 -12.35 -7.95
C38 PTY G . -2.62 -12.58 -9.34
C39 PTY G . -1.12 -12.81 -9.22
C40 PTY G . -0.65 -13.78 -10.32
C41 PTY G . -0.55 -15.18 -9.76
C42 PTY G . -0.09 -16.15 -10.85
C43 PTY G . 1.36 -15.84 -11.22
C44 PTY G . 1.96 -17.03 -11.96
P1 PTY G . -17.69 -12.17 -9.80
O11 PTY G . -18.75 -12.05 -11.06
O12 PTY G . -18.25 -11.43 -8.61
O13 PTY G . -17.52 -13.63 -9.46
O14 PTY G . -16.24 -11.52 -10.22
N1 PTY G . -19.05 -11.12 -14.53
CD CD H . -3.90 -5.61 11.78
CD CD I . -15.27 -7.77 4.67
CD CD J . -4.59 -9.10 15.56
#